data_4TPV
#
_entry.id   4TPV
#
_cell.length_a   39.158
_cell.length_b   51.985
_cell.length_c   73.940
_cell.angle_alpha   90.00
_cell.angle_beta   90.05
_cell.angle_gamma   90.00
#
_symmetry.space_group_name_H-M   'P 1 21 1'
#
loop_
_entity.id
_entity.type
_entity.pdbx_description
1 polymer 'Platelet inhibitor'
2 non-polymer GLYCEROL
3 water water
#
_entity_poly.entity_id   1
_entity_poly.type   'polypeptide(L)'
_entity_poly.pdbx_seq_one_letter_code
;DYSLCQQREKLDDDMREMFTELHNGYRAAFARNYKTSKMRTMVYDCTLEEKAYKSAEKCSEEPSSEEENVDVFSAATLNI
PLEAGNSWWSEIFELRGKVYNKNGKTSNIANMVWDSHDKLGCAVVDCSGKTHVVCQYGPEAKGDGKTIYEEGAPCSRCSD
YGAGVTCDDDWQNLLCIGHHHH
;
_entity_poly.pdbx_strand_id   A,B
#
loop_
_chem_comp.id
_chem_comp.type
_chem_comp.name
_chem_comp.formula
GOL non-polymer GLYCEROL 'C3 H8 O3'
#
# COMPACT_ATOMS: atom_id res chain seq x y z
N ASP A 1 14.48 -13.31 6.70
CA ASP A 1 15.84 -13.70 7.04
C ASP A 1 16.87 -12.86 6.28
N TYR A 2 17.68 -12.08 7.01
CA TYR A 2 18.69 -11.23 6.37
C TYR A 2 20.09 -11.62 6.79
N SER A 3 20.28 -12.87 7.19
CA SER A 3 21.56 -13.30 7.74
C SER A 3 22.69 -13.18 6.72
N LEU A 4 22.36 -13.27 5.44
CA LEU A 4 23.38 -13.28 4.40
C LEU A 4 23.69 -11.87 3.91
N CYS A 5 23.03 -10.89 4.51
CA CYS A 5 23.32 -9.50 4.19
C CYS A 5 24.40 -8.99 5.09
N GLN A 6 25.19 -8.07 4.57
CA GLN A 6 26.29 -7.48 5.32
C GLN A 6 25.87 -6.13 5.85
N GLN A 7 26.68 -5.58 6.75
CA GLN A 7 26.38 -4.26 7.30
C GLN A 7 26.45 -3.20 6.21
N ARG A 8 25.37 -2.43 6.06
CA ARG A 8 25.39 -1.33 5.11
C ARG A 8 25.29 0.00 5.84
N GLU A 9 25.89 1.03 5.27
CA GLU A 9 25.95 2.32 5.92
C GLU A 9 24.58 2.99 6.04
N LYS A 10 23.75 2.84 5.00
CA LYS A 10 22.48 3.58 4.93
C LYS A 10 21.26 2.65 4.85
N LEU A 11 21.46 1.38 5.14
CA LEU A 11 20.39 0.39 5.05
C LEU A 11 20.58 -0.63 6.19
N ASP A 12 19.52 -0.92 6.95
CA ASP A 12 19.58 -1.97 7.96
C ASP A 12 18.42 -2.96 7.83
N ASP A 13 18.34 -3.96 8.72
CA ASP A 13 17.30 -4.98 8.60
C ASP A 13 15.90 -4.39 8.64
N ASP A 14 15.73 -3.39 9.49
CA ASP A 14 14.47 -2.66 9.61
C ASP A 14 14.02 -2.13 8.25
N MET A 15 14.92 -1.43 7.57
CA MET A 15 14.58 -0.88 6.26
C MET A 15 14.38 -1.97 5.20
N ARG A 16 15.14 -3.06 5.29
CA ARG A 16 14.96 -4.16 4.35
C ARG A 16 13.53 -4.68 4.47
N GLU A 17 13.08 -4.83 5.71
CA GLU A 17 11.71 -5.26 5.97
C GLU A 17 10.71 -4.22 5.45
N MET A 18 10.98 -2.94 5.65
CA MET A 18 10.09 -1.89 5.17
C MET A 18 9.99 -2.00 3.66
N PHE A 19 11.10 -2.17 2.96
CA PHE A 19 11.04 -2.29 1.51
C PHE A 19 10.19 -3.49 1.08
N THR A 20 10.40 -4.63 1.73
CA THR A 20 9.72 -5.85 1.33
C THR A 20 8.21 -5.76 1.59
N GLU A 21 7.85 -5.29 2.77
CA GLU A 21 6.43 -5.15 3.10
C GLU A 21 5.71 -4.17 2.18
N LEU A 22 6.37 -3.04 1.89
CA LEU A 22 5.78 -2.03 1.02
C LEU A 22 5.48 -2.62 -0.36
N HIS A 23 6.46 -3.32 -0.93
CA HIS A 23 6.25 -3.97 -2.23
C HIS A 23 5.12 -5.00 -2.20
N ASN A 24 5.09 -5.84 -1.19
CA ASN A 24 4.03 -6.83 -1.13
C ASN A 24 2.65 -6.20 -0.94
N GLY A 25 2.55 -5.13 -0.15
CA GLY A 25 1.30 -4.38 -0.06
C GLY A 25 0.86 -3.78 -1.39
N TYR A 26 1.83 -3.26 -2.15
CA TYR A 26 1.54 -2.76 -3.49
C TYR A 26 1.04 -3.90 -4.37
N ARG A 27 1.69 -5.05 -4.26
CA ARG A 27 1.32 -6.18 -5.12
C ARG A 27 -0.04 -6.78 -4.73
N ALA A 28 -0.36 -6.81 -3.44
CA ALA A 28 -1.68 -7.26 -2.98
C ALA A 28 -2.78 -6.29 -3.42
N ALA A 29 -2.53 -4.99 -3.28
CA ALA A 29 -3.50 -3.99 -3.73
C ALA A 29 -3.71 -4.15 -5.23
N PHE A 30 -2.60 -4.29 -5.94
CA PHE A 30 -2.69 -4.44 -7.39
C PHE A 30 -3.43 -5.71 -7.78
N ALA A 31 -3.14 -6.82 -7.09
CA ALA A 31 -3.77 -8.10 -7.44
C ALA A 31 -5.29 -8.08 -7.23
N ARG A 32 -5.73 -7.45 -6.16
CA ARG A 32 -7.15 -7.38 -5.87
C ARG A 32 -7.86 -6.42 -6.82
N ASN A 33 -7.22 -5.30 -7.15
CA ASN A 33 -7.92 -4.29 -7.94
C ASN A 33 -7.88 -4.56 -9.44
N TYR A 34 -6.82 -5.22 -9.91
CA TYR A 34 -6.72 -5.57 -11.34
C TYR A 34 -7.04 -7.04 -11.62
N LYS A 35 -7.24 -7.83 -10.57
CA LYS A 35 -7.59 -9.25 -10.72
C LYS A 35 -6.47 -10.01 -11.43
N THR A 36 -5.37 -10.19 -10.71
CA THR A 36 -4.20 -10.86 -11.26
C THR A 36 -4.11 -12.28 -10.69
N SER A 37 -3.99 -13.27 -11.57
CA SER A 37 -4.15 -14.67 -11.19
C SER A 37 -2.93 -15.38 -10.60
N LYS A 38 -1.73 -14.80 -10.69
CA LYS A 38 -0.54 -15.45 -10.13
C LYS A 38 0.52 -14.44 -9.72
N MET A 39 0.10 -13.47 -8.91
CA MET A 39 1.02 -12.47 -8.39
C MET A 39 1.80 -13.10 -7.25
N ARG A 40 3.12 -13.19 -7.40
CA ARG A 40 3.95 -13.79 -6.34
C ARG A 40 4.24 -12.86 -5.16
N THR A 41 4.33 -13.48 -3.99
CA THR A 41 4.87 -12.80 -2.82
C THR A 41 6.34 -12.57 -3.06
N MET A 42 6.80 -11.34 -2.81
CA MET A 42 8.25 -11.09 -2.82
C MET A 42 8.91 -11.41 -1.49
N VAL A 43 10.12 -11.94 -1.60
CA VAL A 43 10.97 -12.19 -0.44
C VAL A 43 12.24 -11.39 -0.60
N TYR A 44 12.78 -10.82 0.48
CA TYR A 44 14.03 -10.07 0.36
C TYR A 44 15.17 -11.03 -0.04
N ASP A 45 16.10 -10.56 -0.87
CA ASP A 45 17.16 -11.42 -1.36
C ASP A 45 18.49 -10.69 -1.24
N CYS A 46 19.35 -11.17 -0.35
CA CYS A 46 20.60 -10.44 -0.08
C CYS A 46 21.56 -10.49 -1.28
N THR A 47 21.41 -11.47 -2.16
CA THR A 47 22.18 -11.49 -3.40
C THR A 47 21.77 -10.35 -4.35
N LEU A 48 20.47 -10.12 -4.50
CA LEU A 48 19.99 -8.98 -5.27
C LEU A 48 20.38 -7.67 -4.61
N GLU A 49 20.45 -7.64 -3.28
CA GLU A 49 20.92 -6.43 -2.61
C GLU A 49 22.34 -6.11 -3.02
N GLU A 50 23.22 -7.12 -3.07
CA GLU A 50 24.58 -6.86 -3.50
C GLU A 50 24.61 -6.38 -4.96
N LYS A 51 23.77 -6.96 -5.81
CA LYS A 51 23.66 -6.51 -7.20
C LYS A 51 23.21 -5.04 -7.24
N ALA A 52 22.27 -4.73 -6.37
CA ALA A 52 21.77 -3.36 -6.29
C ALA A 52 22.85 -2.37 -5.86
N TYR A 53 23.69 -2.77 -4.88
CA TYR A 53 24.78 -1.89 -4.45
C TYR A 53 25.82 -1.71 -5.55
N LYS A 54 26.19 -2.78 -6.21
CA LYS A 54 27.21 -2.69 -7.24
C LYS A 54 26.73 -1.76 -8.35
N SER A 55 25.43 -1.77 -8.61
CA SER A 55 24.86 -0.91 -9.65
C SER A 55 24.67 0.51 -9.15
N ALA A 56 24.15 0.65 -7.93
CA ALA A 56 23.93 1.97 -7.34
C ALA A 56 25.19 2.82 -7.28
N GLU A 57 26.33 2.19 -6.99
CA GLU A 57 27.54 2.97 -6.80
C GLU A 57 28.05 3.60 -8.09
N LYS A 58 27.50 3.19 -9.22
CA LYS A 58 27.83 3.83 -10.49
C LYS A 58 27.18 5.20 -10.58
N CYS A 59 26.18 5.43 -9.74
CA CYS A 59 25.55 6.75 -9.60
C CYS A 59 24.86 7.24 -10.86
N SER A 60 24.35 6.31 -11.66
CA SER A 60 23.48 6.67 -12.78
C SER A 60 22.10 7.07 -12.23
N GLU A 61 21.39 7.94 -12.96
CA GLU A 61 20.03 8.27 -12.57
C GLU A 61 19.01 7.45 -13.33
N GLU A 62 19.49 6.58 -14.21
CA GLU A 62 18.62 5.70 -15.03
C GLU A 62 18.90 4.24 -14.73
N PRO A 63 17.90 3.35 -14.91
CA PRO A 63 18.15 1.91 -14.75
C PRO A 63 19.12 1.38 -15.79
N SER A 64 19.95 0.42 -15.41
CA SER A 64 20.94 -0.16 -16.31
C SER A 64 20.49 -1.50 -16.91
N SER A 65 19.37 -2.03 -16.46
CA SER A 65 18.81 -3.30 -16.97
C SER A 65 17.31 -3.31 -16.72
N GLU A 66 16.59 -4.27 -17.32
CA GLU A 66 15.11 -4.26 -17.19
C GLU A 66 14.66 -4.51 -15.74
N GLU A 67 15.46 -5.24 -14.95
CA GLU A 67 15.03 -5.60 -13.60
C GLU A 67 15.58 -4.64 -12.51
N GLU A 68 15.92 -3.42 -12.91
CA GLU A 68 16.36 -2.42 -11.94
C GLU A 68 15.42 -1.22 -11.86
N ASN A 69 15.13 -0.79 -10.63
CA ASN A 69 14.44 0.48 -10.38
C ASN A 69 15.41 1.48 -9.74
N VAL A 70 15.33 2.74 -10.13
CA VAL A 70 16.15 3.79 -9.54
C VAL A 70 15.30 4.97 -9.11
N ASP A 71 15.63 5.54 -7.97
CA ASP A 71 15.04 6.80 -7.55
C ASP A 71 16.12 7.73 -7.05
N VAL A 72 15.97 9.03 -7.31
CA VAL A 72 16.99 10.01 -6.96
C VAL A 72 16.31 11.20 -6.27
N PHE A 73 16.78 11.59 -5.09
CA PHE A 73 16.21 12.75 -4.39
C PHE A 73 17.15 13.34 -3.36
N SER A 74 16.83 14.56 -2.91
CA SER A 74 17.44 15.14 -1.73
C SER A 74 16.31 15.78 -0.94
N ALA A 75 16.58 16.14 0.31
CA ALA A 75 15.57 16.74 1.19
C ALA A 75 14.27 15.94 1.18
N ALA A 76 14.39 14.65 1.46
CA ALA A 76 13.25 13.75 1.52
C ALA A 76 12.23 14.22 2.53
N THR A 77 10.97 13.87 2.29
CA THR A 77 9.86 14.18 3.17
C THR A 77 9.58 12.98 4.04
N LEU A 78 9.57 11.81 3.42
CA LEU A 78 9.22 10.57 4.06
C LEU A 78 10.50 9.80 4.35
N ASN A 79 10.38 8.65 4.99
CA ASN A 79 11.57 7.83 5.13
C ASN A 79 11.95 7.27 3.77
N ILE A 80 13.12 6.63 3.69
CA ILE A 80 13.68 6.25 2.40
C ILE A 80 12.81 5.22 1.65
N PRO A 81 12.39 4.13 2.31
CA PRO A 81 11.53 3.18 1.61
C PRO A 81 10.22 3.81 1.07
N LEU A 82 9.56 4.66 1.86
CA LEU A 82 8.35 5.31 1.36
C LEU A 82 8.64 6.33 0.26
N GLU A 83 9.73 7.08 0.38
CA GLU A 83 10.06 8.09 -0.64
C GLU A 83 10.24 7.39 -2.00
N ALA A 84 10.99 6.30 -2.02
CA ALA A 84 11.18 5.54 -3.26
C ALA A 84 9.89 4.83 -3.69
N GLY A 85 9.27 4.11 -2.75
CA GLY A 85 8.10 3.34 -3.08
C GLY A 85 7.02 4.20 -3.70
N ASN A 86 6.79 5.37 -3.12
CA ASN A 86 5.72 6.23 -3.60
C ASN A 86 6.02 6.80 -4.98
N SER A 87 7.28 7.15 -5.23
CA SER A 87 7.65 7.63 -6.55
CA SER A 87 7.71 7.59 -6.54
C SER A 87 7.41 6.54 -7.58
N TRP A 88 7.81 5.31 -7.29
CA TRP A 88 7.63 4.21 -8.23
C TRP A 88 6.14 3.84 -8.37
N TRP A 89 5.43 3.76 -7.26
CA TRP A 89 3.99 3.42 -7.33
C TRP A 89 3.18 4.43 -8.16
N SER A 90 3.55 5.71 -8.07
CA SER A 90 2.86 6.79 -8.79
CA SER A 90 2.81 6.76 -8.78
C SER A 90 2.77 6.56 -10.29
N GLU A 91 3.64 5.71 -10.84
CA GLU A 91 3.62 5.43 -12.27
C GLU A 91 2.39 4.65 -12.68
N ILE A 92 1.68 4.13 -11.69
CA ILE A 92 0.48 3.35 -11.97
C ILE A 92 -0.49 4.13 -12.87
N PHE A 93 -0.48 5.45 -12.75
CA PHE A 93 -1.34 6.30 -13.58
C PHE A 93 -0.97 6.30 -15.06
N GLU A 94 0.21 5.79 -15.39
CA GLU A 94 0.64 5.77 -16.79
C GLU A 94 0.51 4.37 -17.41
N LEU A 95 0.17 3.37 -16.60
CA LEU A 95 -0.10 2.05 -17.13
C LEU A 95 -1.31 2.09 -18.06
N ARG A 96 -1.28 1.23 -19.07
CA ARG A 96 -2.40 1.07 -20.00
C ARG A 96 -2.69 -0.42 -20.26
N GLY A 97 -3.08 -1.11 -19.22
CA GLY A 97 -3.44 -2.50 -19.32
C GLY A 97 -2.27 -3.41 -18.96
N LYS A 98 -2.41 -4.68 -19.32
CA LYS A 98 -1.51 -5.70 -18.82
C LYS A 98 -0.19 -5.77 -19.57
N VAL A 99 -0.10 -5.10 -20.71
CA VAL A 99 1.11 -5.22 -21.55
C VAL A 99 2.07 -4.08 -21.25
N TYR A 100 3.31 -4.44 -20.93
CA TYR A 100 4.32 -3.43 -20.67
C TYR A 100 4.73 -2.72 -21.97
N ASN A 101 4.66 -1.40 -21.94
CA ASN A 101 5.13 -0.60 -23.06
C ASN A 101 6.33 0.20 -22.57
N LYS A 102 7.49 -0.11 -23.12
CA LYS A 102 8.72 0.53 -22.64
C LYS A 102 8.75 1.98 -23.13
N ASN A 103 8.33 2.89 -22.28
CA ASN A 103 8.14 4.28 -22.70
C ASN A 103 8.69 5.25 -21.67
N GLY A 104 9.48 4.73 -20.73
CA GLY A 104 10.09 5.54 -19.71
C GLY A 104 9.17 6.02 -18.60
N LYS A 105 7.89 5.67 -18.71
CA LYS A 105 6.89 6.15 -17.76
C LYS A 105 6.41 5.11 -16.77
N THR A 106 6.67 3.84 -17.04
CA THR A 106 6.08 2.78 -16.22
C THR A 106 7.07 1.70 -15.81
N SER A 107 8.36 1.93 -16.02
CA SER A 107 9.33 0.87 -15.75
C SER A 107 9.37 0.50 -14.26
N ASN A 108 9.27 1.49 -13.39
CA ASN A 108 9.37 1.17 -11.96
C ASN A 108 8.13 0.43 -11.48
N ILE A 109 6.94 0.92 -11.83
CA ILE A 109 5.76 0.21 -11.37
C ILE A 109 5.72 -1.20 -11.96
N ALA A 110 6.11 -1.35 -13.22
CA ALA A 110 6.11 -2.68 -13.84
C ALA A 110 7.03 -3.66 -13.09
N ASN A 111 8.19 -3.19 -12.64
CA ASN A 111 9.08 -4.08 -11.89
C ASN A 111 8.43 -4.49 -10.58
N MET A 112 7.73 -3.54 -9.94
CA MET A 112 7.13 -3.81 -8.64
C MET A 112 5.95 -4.77 -8.70
N VAL A 113 5.20 -4.77 -9.80
CA VAL A 113 4.00 -5.62 -9.90
C VAL A 113 4.08 -6.72 -10.97
N TRP A 114 5.27 -6.93 -11.54
CA TRP A 114 5.44 -8.05 -12.47
C TRP A 114 5.08 -9.35 -11.75
N ASP A 115 4.18 -10.16 -12.31
CA ASP A 115 3.56 -11.16 -11.46
C ASP A 115 4.57 -12.25 -11.07
N SER A 116 5.53 -12.54 -11.95
CA SER A 116 6.47 -13.62 -11.68
C SER A 116 7.64 -13.15 -10.83
N HIS A 117 7.75 -11.86 -10.57
CA HIS A 117 8.80 -11.40 -9.65
C HIS A 117 8.55 -11.88 -8.23
N ASP A 118 9.55 -12.54 -7.62
CA ASP A 118 9.34 -13.03 -6.26
C ASP A 118 10.52 -12.70 -5.33
N LYS A 119 11.43 -11.88 -5.81
CA LYS A 119 12.61 -11.49 -5.03
C LYS A 119 12.96 -10.03 -5.29
N LEU A 120 13.37 -9.31 -4.24
CA LEU A 120 13.98 -8.01 -4.43
C LEU A 120 15.15 -7.82 -3.48
N GLY A 121 16.05 -6.92 -3.85
CA GLY A 121 17.11 -6.48 -2.96
C GLY A 121 17.39 -5.04 -3.30
N CYS A 122 17.70 -4.23 -2.29
CA CYS A 122 17.80 -2.78 -2.48
C CYS A 122 19.09 -2.17 -1.92
N ALA A 123 19.38 -0.93 -2.33
CA ALA A 123 20.63 -0.26 -1.96
C ALA A 123 20.34 1.24 -1.82
N VAL A 124 21.01 1.87 -0.86
CA VAL A 124 20.88 3.29 -0.63
C VAL A 124 22.28 3.89 -0.63
N VAL A 125 22.54 4.86 -1.51
CA VAL A 125 23.88 5.41 -1.62
C VAL A 125 23.81 6.91 -1.83
N ASP A 126 24.89 7.62 -1.52
CA ASP A 126 24.96 9.04 -1.83
C ASP A 126 25.74 9.27 -3.12
N CYS A 127 25.17 10.07 -4.01
CA CYS A 127 25.87 10.49 -5.21
C CYS A 127 25.86 12.00 -5.27
N SER A 128 27.01 12.60 -4.95
CA SER A 128 27.19 14.04 -5.08
C SER A 128 26.09 14.83 -4.37
N GLY A 129 25.70 14.34 -3.19
CA GLY A 129 24.78 15.07 -2.34
C GLY A 129 23.33 14.70 -2.54
N LYS A 130 23.07 13.80 -3.49
CA LYS A 130 21.73 13.26 -3.68
C LYS A 130 21.67 11.79 -3.26
N THR A 131 20.54 11.38 -2.70
CA THR A 131 20.34 9.98 -2.35
C THR A 131 19.87 9.23 -3.59
N HIS A 132 20.52 8.12 -3.89
CA HIS A 132 20.04 7.18 -4.90
C HIS A 132 19.57 5.94 -4.20
N VAL A 133 18.34 5.53 -4.52
CA VAL A 133 17.80 4.28 -4.04
C VAL A 133 17.68 3.38 -5.26
N VAL A 134 18.20 2.17 -5.16
CA VAL A 134 18.11 1.20 -6.27
C VAL A 134 17.57 -0.11 -5.74
N CYS A 135 16.59 -0.67 -6.42
CA CYS A 135 16.14 -2.01 -6.11
C CYS A 135 16.29 -2.90 -7.35
N GLN A 136 16.72 -4.12 -7.11
CA GLN A 136 16.89 -5.12 -8.15
C GLN A 136 15.88 -6.23 -7.88
N TYR A 137 15.29 -6.74 -8.96
CA TYR A 137 14.25 -7.74 -8.84
C TYR A 137 14.62 -9.03 -9.56
N GLY A 138 13.91 -10.10 -9.20
CA GLY A 138 14.10 -11.39 -9.86
C GLY A 138 12.88 -12.29 -9.73
N PRO A 139 12.79 -13.32 -10.58
CA PRO A 139 13.76 -13.58 -11.65
C PRO A 139 13.59 -12.66 -12.84
N GLU A 140 14.53 -12.70 -13.76
CA GLU A 140 14.43 -11.85 -14.95
C GLU A 140 13.28 -12.24 -15.87
N ALA A 141 12.46 -11.27 -16.22
CA ALA A 141 11.25 -11.51 -16.98
C ALA A 141 10.76 -10.27 -17.72
N LYS A 142 11.00 -9.08 -17.17
CA LYS A 142 10.43 -7.83 -17.70
C LYS A 142 11.04 -7.47 -19.07
N GLY A 143 10.21 -6.96 -19.96
CA GLY A 143 10.66 -6.57 -21.29
C GLY A 143 9.56 -5.89 -22.06
N ASP A 144 9.94 -5.02 -22.99
CA ASP A 144 9.00 -4.31 -23.85
C ASP A 144 8.07 -5.30 -24.54
N GLY A 145 6.77 -5.03 -24.45
CA GLY A 145 5.78 -5.83 -25.15
C GLY A 145 5.34 -7.09 -24.43
N LYS A 146 5.98 -7.37 -23.30
CA LYS A 146 5.65 -8.57 -22.54
C LYS A 146 4.52 -8.31 -21.56
N THR A 147 3.83 -9.38 -21.19
CA THR A 147 2.70 -9.27 -20.27
C THR A 147 3.19 -9.12 -18.83
N ILE A 148 2.82 -8.00 -18.20
CA ILE A 148 3.19 -7.71 -16.80
C ILE A 148 2.54 -8.71 -15.84
N TYR A 149 1.26 -8.98 -16.08
CA TYR A 149 0.50 -9.90 -15.22
C TYR A 149 -0.58 -10.59 -16.01
N GLU A 150 -0.81 -11.87 -15.70
CA GLU A 150 -1.99 -12.55 -16.24
C GLU A 150 -3.22 -12.19 -15.43
N GLU A 151 -4.38 -12.13 -16.08
CA GLU A 151 -5.61 -11.73 -15.39
C GLU A 151 -6.48 -12.91 -15.04
N GLY A 152 -7.04 -12.88 -13.83
CA GLY A 152 -8.01 -13.87 -13.40
C GLY A 152 -8.12 -13.86 -11.89
N ALA A 153 -8.91 -14.77 -11.33
CA ALA A 153 -9.08 -14.86 -9.87
C ALA A 153 -7.73 -14.94 -9.19
N PRO A 154 -7.50 -14.10 -8.17
CA PRO A 154 -6.19 -14.17 -7.51
C PRO A 154 -5.88 -15.60 -7.03
N CYS A 155 -4.61 -15.95 -7.20
CA CYS A 155 -4.09 -17.26 -6.83
C CYS A 155 -4.59 -18.44 -7.68
N SER A 156 -5.43 -18.18 -8.67
CA SER A 156 -5.96 -19.27 -9.46
C SER A 156 -4.89 -19.95 -10.32
N ARG A 157 -3.74 -19.29 -10.50
CA ARG A 157 -2.70 -19.89 -11.33
C ARG A 157 -1.35 -19.99 -10.62
N CYS A 158 -1.35 -20.00 -9.29
CA CYS A 158 -0.11 -20.24 -8.54
C CYS A 158 0.64 -21.51 -9.00
N SER A 159 -0.10 -22.53 -9.40
CA SER A 159 0.54 -23.79 -9.76
C SER A 159 1.35 -23.70 -11.07
N ASP A 160 1.15 -22.62 -11.83
CA ASP A 160 1.98 -22.36 -13.01
C ASP A 160 3.45 -22.28 -12.66
N TYR A 161 3.75 -21.91 -11.42
CA TYR A 161 5.13 -21.78 -10.96
C TYR A 161 5.73 -23.10 -10.52
N GLY A 162 4.92 -24.15 -10.50
CA GLY A 162 5.40 -25.49 -10.22
C GLY A 162 5.71 -25.73 -8.77
N ALA A 163 6.74 -26.54 -8.53
CA ALA A 163 6.95 -27.20 -7.25
C ALA A 163 6.82 -26.30 -6.02
N GLY A 164 5.93 -26.71 -5.12
CA GLY A 164 5.83 -26.11 -3.80
C GLY A 164 5.10 -24.79 -3.70
N VAL A 165 4.68 -24.21 -4.81
CA VAL A 165 4.09 -22.87 -4.77
C VAL A 165 2.56 -22.92 -4.56
N THR A 166 2.09 -22.18 -3.56
CA THR A 166 0.69 -22.20 -3.14
C THR A 166 0.22 -20.78 -2.88
N CYS A 167 -1.07 -20.62 -2.60
CA CYS A 167 -1.59 -19.30 -2.29
C CYS A 167 -1.14 -18.91 -0.90
N ASP A 168 -0.84 -17.63 -0.70
CA ASP A 168 -0.23 -17.12 0.53
C ASP A 168 -1.23 -16.53 1.54
N ASP A 169 -1.52 -17.27 2.62
CA ASP A 169 -2.50 -16.77 3.59
C ASP A 169 -1.94 -15.59 4.40
N ASP A 170 -0.67 -15.28 4.20
CA ASP A 170 -0.06 -14.10 4.82
C ASP A 170 -0.46 -12.81 4.13
N TRP A 171 -0.93 -12.93 2.88
CA TRP A 171 -1.20 -11.78 2.03
C TRP A 171 -2.60 -11.90 1.45
N GLN A 172 -3.55 -12.13 2.35
CA GLN A 172 -4.99 -12.14 2.07
C GLN A 172 -5.36 -13.12 0.95
N ASN A 173 -4.58 -14.19 0.82
CA ASN A 173 -4.79 -15.15 -0.26
C ASN A 173 -4.87 -14.50 -1.64
N LEU A 174 -4.04 -13.49 -1.85
CA LEU A 174 -3.97 -12.78 -3.11
C LEU A 174 -2.69 -13.11 -3.87
N LEU A 175 -1.67 -13.53 -3.13
CA LEU A 175 -0.33 -13.74 -3.69
C LEU A 175 0.10 -15.20 -3.61
N CYS A 176 1.08 -15.57 -4.42
CA CYS A 176 1.59 -16.95 -4.44
C CYS A 176 2.91 -17.04 -3.72
N ILE A 177 3.06 -18.00 -2.82
CA ILE A 177 4.31 -18.16 -2.06
C ILE A 177 4.95 -19.54 -2.26
N GLY A 178 6.28 -19.57 -2.27
CA GLY A 178 7.01 -20.82 -2.36
C GLY A 178 6.98 -21.62 -1.06
N HIS A 179 7.42 -22.88 -1.15
CA HIS A 179 7.40 -23.79 -0.01
C HIS A 179 8.17 -23.19 1.16
N HIS A 180 7.56 -23.15 2.34
CA HIS A 180 8.24 -22.59 3.50
C HIS A 180 7.57 -23.11 4.76
N HIS A 181 8.24 -22.90 5.89
CA HIS A 181 7.78 -23.47 7.16
C HIS A 181 6.34 -23.07 7.49
N HIS A 182 6.11 -21.81 7.83
CA HIS A 182 4.80 -21.30 8.26
C HIS A 182 3.89 -22.37 8.88
N TYR B 2 -21.37 -8.97 2.90
CA TYR B 2 -21.89 -7.66 3.23
C TYR B 2 -23.41 -7.68 3.31
N SER B 3 -23.93 -8.60 4.11
CA SER B 3 -25.36 -8.88 4.15
C SER B 3 -26.20 -7.68 4.57
N LEU B 4 -25.61 -6.80 5.39
CA LEU B 4 -26.34 -5.63 5.88
C LEU B 4 -26.25 -4.45 4.92
N CYS B 5 -25.55 -4.64 3.81
CA CYS B 5 -25.43 -3.60 2.78
C CYS B 5 -26.48 -3.77 1.71
N GLN B 6 -27.14 -2.68 1.34
CA GLN B 6 -28.14 -2.78 0.30
C GLN B 6 -27.47 -2.66 -1.07
N GLN B 7 -28.22 -3.01 -2.10
CA GLN B 7 -27.76 -2.80 -3.46
C GLN B 7 -27.52 -1.31 -3.67
N ARG B 8 -26.39 -0.97 -4.28
CA ARG B 8 -26.08 0.41 -4.64
C ARG B 8 -25.76 0.49 -6.12
N GLU B 9 -26.03 1.64 -6.73
CA GLU B 9 -25.87 1.77 -8.18
C GLU B 9 -24.41 1.83 -8.64
N LYS B 10 -23.53 2.42 -7.83
CA LYS B 10 -22.13 2.59 -8.21
C LYS B 10 -21.13 1.89 -7.30
N LEU B 11 -21.64 1.14 -6.33
CA LEU B 11 -20.78 0.44 -5.38
C LEU B 11 -21.24 -1.00 -5.28
N ASP B 12 -20.33 -1.96 -5.45
CA ASP B 12 -20.69 -3.37 -5.29
C ASP B 12 -19.77 -4.04 -4.26
N ASP B 13 -19.99 -5.33 -4.03
CA ASP B 13 -19.23 -6.04 -2.99
C ASP B 13 -17.75 -6.07 -3.31
N ASP B 14 -17.42 -6.27 -4.57
CA ASP B 14 -16.01 -6.27 -4.98
C ASP B 14 -15.34 -4.94 -4.60
N MET B 15 -16.05 -3.84 -4.77
CA MET B 15 -15.50 -2.53 -4.42
C MET B 15 -15.40 -2.33 -2.90
N ARG B 16 -16.36 -2.87 -2.16
CA ARG B 16 -16.30 -2.74 -0.70
C ARG B 16 -15.06 -3.46 -0.19
N GLU B 17 -14.80 -4.62 -0.77
CA GLU B 17 -13.61 -5.39 -0.43
C GLU B 17 -12.31 -4.65 -0.79
N MET B 18 -12.25 -4.07 -1.99
CA MET B 18 -11.13 -3.25 -2.40
C MET B 18 -10.88 -2.09 -1.44
N PHE B 19 -11.94 -1.35 -1.08
CA PHE B 19 -11.78 -0.23 -0.13
C PHE B 19 -11.16 -0.74 1.17
N THR B 20 -11.65 -1.87 1.65
CA THR B 20 -11.23 -2.33 2.97
C THR B 20 -9.79 -2.78 2.92
N GLU B 21 -9.45 -3.59 1.92
CA GLU B 21 -8.09 -4.08 1.82
C GLU B 21 -7.10 -2.96 1.51
N LEU B 22 -7.53 -1.98 0.71
CA LEU B 22 -6.65 -0.84 0.42
C LEU B 22 -6.30 -0.09 1.71
N HIS B 23 -7.32 0.18 2.51
CA HIS B 23 -7.13 0.87 3.79
C HIS B 23 -6.22 0.07 4.73
N ASN B 24 -6.44 -1.23 4.84
CA ASN B 24 -5.59 -2.02 5.73
C ASN B 24 -4.16 -2.09 5.21
N GLY B 25 -3.97 -2.09 3.90
CA GLY B 25 -2.62 -2.06 3.33
C GLY B 25 -1.91 -0.77 3.68
N TYR B 26 -2.64 0.34 3.60
CA TYR B 26 -2.12 1.65 3.98
C TYR B 26 -1.74 1.65 5.45
N ARG B 27 -2.63 1.09 6.28
CA ARG B 27 -2.41 1.09 7.72
C ARG B 27 -1.22 0.21 8.10
N ALA B 28 -1.05 -0.90 7.39
CA ALA B 28 0.12 -1.78 7.60
C ALA B 28 1.42 -1.10 7.17
N ALA B 29 1.38 -0.50 6.00
CA ALA B 29 2.53 0.25 5.54
C ALA B 29 2.90 1.33 6.53
N PHE B 30 1.88 2.07 6.99
CA PHE B 30 2.12 3.16 7.93
C PHE B 30 2.69 2.62 9.25
N ALA B 31 2.11 1.53 9.74
CA ALA B 31 2.56 0.93 11.00
C ALA B 31 4.02 0.48 10.92
N ARG B 32 4.43 -0.10 9.80
CA ARG B 32 5.77 -0.63 9.65
C ARG B 32 6.80 0.49 9.51
N ASN B 33 6.40 1.55 8.82
CA ASN B 33 7.34 2.65 8.56
C ASN B 33 7.40 3.71 9.64
N TYR B 34 6.29 3.92 10.34
CA TYR B 34 6.25 4.90 11.43
C TYR B 34 6.34 4.30 12.83
N LYS B 35 6.17 2.99 12.90
CA LYS B 35 6.22 2.24 14.18
C LYS B 35 5.09 2.69 15.09
N THR B 36 3.90 2.22 14.75
CA THR B 36 2.67 2.51 15.50
C THR B 36 2.32 1.27 16.31
N SER B 37 2.20 1.45 17.62
CA SER B 37 2.10 0.32 18.52
C SER B 37 0.72 -0.32 18.62
N LYS B 38 -0.33 0.34 18.14
CA LYS B 38 -1.67 -0.23 18.26
C LYS B 38 -2.59 0.25 17.13
N MET B 39 -2.15 -0.02 15.91
CA MET B 39 -2.94 0.26 14.71
C MET B 39 -3.98 -0.85 14.49
N ARG B 40 -5.26 -0.51 14.60
CA ARG B 40 -6.30 -1.53 14.44
C ARG B 40 -6.54 -1.93 12.99
N THR B 41 -6.83 -3.21 12.79
CA THR B 41 -7.37 -3.69 11.53
C THR B 41 -8.74 -3.06 11.34
N MET B 42 -9.01 -2.58 10.12
CA MET B 42 -10.33 -2.09 9.76
C MET B 42 -11.22 -3.20 9.21
N VAL B 43 -12.49 -3.14 9.59
CA VAL B 43 -13.51 -4.03 9.06
C VAL B 43 -14.58 -3.17 8.40
N TYR B 44 -15.10 -3.66 7.28
CA TYR B 44 -16.16 -2.92 6.59
C TYR B 44 -17.44 -2.94 7.41
N ASP B 45 -18.14 -1.80 7.47
CA ASP B 45 -19.31 -1.65 8.31
C ASP B 45 -20.47 -1.06 7.51
N CYS B 46 -21.49 -1.87 7.27
CA CYS B 46 -22.61 -1.42 6.43
C CYS B 46 -23.43 -0.32 7.06
N THR B 47 -23.37 -0.17 8.39
CA THR B 47 -24.02 0.96 9.04
C THR B 47 -23.31 2.26 8.69
N LEU B 48 -21.97 2.26 8.77
CA LEU B 48 -21.19 3.41 8.30
C LEU B 48 -21.40 3.67 6.81
N GLU B 49 -21.61 2.62 6.01
CA GLU B 49 -21.89 2.85 4.59
C GLU B 49 -23.17 3.68 4.42
N GLU B 50 -24.20 3.37 5.19
CA GLU B 50 -25.46 4.13 5.13
C GLU B 50 -25.19 5.58 5.49
N LYS B 51 -24.41 5.80 6.55
CA LYS B 51 -24.06 7.17 6.93
C LYS B 51 -23.30 7.87 5.80
N ALA B 52 -22.41 7.14 5.14
CA ALA B 52 -21.64 7.73 4.05
C ALA B 52 -22.56 8.15 2.90
N TYR B 53 -23.56 7.33 2.58
CA TYR B 53 -24.48 7.69 1.50
C TYR B 53 -25.33 8.89 1.88
N LYS B 54 -25.82 8.93 3.12
CA LYS B 54 -26.59 10.10 3.56
C LYS B 54 -25.76 11.37 3.41
N SER B 55 -24.48 11.31 3.76
CA SER B 55 -23.66 12.49 3.66
C SER B 55 -23.25 12.80 2.23
N ALA B 56 -22.87 11.77 1.48
CA ALA B 56 -22.50 11.91 0.08
C ALA B 56 -23.59 12.55 -0.75
N GLU B 57 -24.84 12.19 -0.47
CA GLU B 57 -25.98 12.71 -1.26
C GLU B 57 -26.17 14.23 -1.09
N LYS B 58 -25.48 14.82 -0.11
CA LYS B 58 -25.54 16.28 0.06
C LYS B 58 -24.74 16.97 -1.05
N CYS B 59 -23.84 16.21 -1.66
CA CYS B 59 -23.00 16.68 -2.77
C CYS B 59 -22.09 17.84 -2.37
N SER B 60 -21.72 17.89 -1.09
CA SER B 60 -20.65 18.75 -0.67
C SER B 60 -19.28 18.24 -1.15
N GLU B 61 -18.33 19.14 -1.32
CA GLU B 61 -16.99 18.74 -1.72
C GLU B 61 -16.07 18.73 -0.52
N GLU B 62 -16.60 19.09 0.64
CA GLU B 62 -15.87 19.11 1.91
C GLU B 62 -16.48 18.11 2.89
N PRO B 63 -15.66 17.54 3.79
CA PRO B 63 -16.21 16.64 4.81
C PRO B 63 -17.14 17.36 5.79
N SER B 64 -18.17 16.66 6.24
CA SER B 64 -19.17 17.21 7.16
C SER B 64 -18.91 16.85 8.62
N SER B 65 -17.99 15.93 8.85
CA SER B 65 -17.57 15.64 10.22
C SER B 65 -16.12 15.20 10.22
N GLU B 66 -15.53 15.10 11.42
CA GLU B 66 -14.12 14.72 11.53
C GLU B 66 -13.86 13.32 11.02
N GLU B 67 -14.87 12.46 11.06
CA GLU B 67 -14.64 11.06 10.68
C GLU B 67 -15.05 10.74 9.25
N GLU B 68 -15.12 11.77 8.41
CA GLU B 68 -15.47 11.61 7.01
C GLU B 68 -14.34 12.03 6.08
N ASN B 69 -14.10 11.21 5.07
CA ASN B 69 -13.22 11.53 3.93
C ASN B 69 -14.05 11.73 2.68
N VAL B 70 -13.62 12.67 1.83
CA VAL B 70 -14.32 12.96 0.59
C VAL B 70 -13.29 13.08 -0.53
N ASP B 71 -13.65 12.56 -1.71
CA ASP B 71 -12.87 12.77 -2.91
C ASP B 71 -13.83 13.12 -4.02
N VAL B 72 -13.42 14.03 -4.90
CA VAL B 72 -14.24 14.51 -6.01
C VAL B 72 -13.42 14.47 -7.29
N PHE B 73 -13.97 13.89 -8.35
CA PHE B 73 -13.27 13.89 -9.64
C PHE B 73 -14.24 13.70 -10.79
N SER B 74 -13.86 14.18 -11.97
CA SER B 74 -14.61 13.83 -13.17
C SER B 74 -13.93 12.62 -13.79
N ALA B 75 -12.71 12.81 -14.27
CA ALA B 75 -11.97 11.74 -14.90
C ALA B 75 -11.18 10.95 -13.87
N ALA B 76 -11.55 9.69 -13.67
CA ALA B 76 -10.69 8.77 -12.91
C ALA B 76 -9.88 7.91 -13.88
N THR B 77 -8.57 7.86 -13.66
CA THR B 77 -7.65 7.06 -14.43
C THR B 77 -7.68 5.59 -13.97
N LEU B 78 -7.78 5.43 -12.65
CA LEU B 78 -7.77 4.11 -12.00
C LEU B 78 -9.20 3.70 -11.65
N ASN B 79 -9.39 2.51 -11.05
CA ASN B 79 -10.75 2.17 -10.61
C ASN B 79 -11.09 3.10 -9.44
N ILE B 80 -12.37 3.16 -9.05
CA ILE B 80 -12.77 4.17 -8.08
C ILE B 80 -12.07 4.02 -6.72
N PRO B 81 -11.97 2.79 -6.17
CA PRO B 81 -11.32 2.64 -4.87
C PRO B 81 -9.85 3.08 -4.88
N LEU B 82 -9.12 2.74 -5.93
CA LEU B 82 -7.74 3.18 -6.06
C LEU B 82 -7.62 4.69 -6.31
N GLU B 83 -8.50 5.23 -7.14
CA GLU B 83 -8.45 6.67 -7.38
C GLU B 83 -8.62 7.44 -6.07
N ALA B 84 -9.64 7.10 -5.28
CA ALA B 84 -9.89 7.84 -4.03
C ALA B 84 -8.84 7.51 -2.99
N GLY B 85 -8.50 6.24 -2.88
CA GLY B 85 -7.47 5.82 -1.94
C GLY B 85 -6.14 6.50 -2.18
N ASN B 86 -5.71 6.56 -3.44
CA ASN B 86 -4.45 7.22 -3.78
C ASN B 86 -4.47 8.71 -3.45
N SER B 87 -5.59 9.37 -3.69
CA SER B 87 -5.70 10.79 -3.44
C SER B 87 -5.57 11.06 -1.94
N TRP B 88 -6.21 10.23 -1.14
CA TRP B 88 -6.15 10.38 0.31
C TRP B 88 -4.79 10.00 0.85
N TRP B 89 -4.21 8.93 0.32
CA TRP B 89 -2.93 8.45 0.84
C TRP B 89 -1.85 9.50 0.56
N SER B 90 -1.94 10.15 -0.59
CA SER B 90 -0.93 11.13 -0.99
C SER B 90 -0.75 12.26 0.03
N GLU B 91 -1.74 12.46 0.88
CA GLU B 91 -1.62 13.50 1.91
C GLU B 91 -0.55 13.15 2.95
N ILE B 92 -0.05 11.90 2.93
CA ILE B 92 1.03 11.54 3.85
C ILE B 92 2.22 12.50 3.71
N PHE B 93 2.43 13.03 2.51
CA PHE B 93 3.54 13.95 2.26
C PHE B 93 3.37 15.28 2.97
N GLU B 94 2.18 15.53 3.52
CA GLU B 94 1.90 16.79 4.19
C GLU B 94 1.87 16.63 5.70
N LEU B 95 1.90 15.39 6.20
CA LEU B 95 2.02 15.16 7.63
C LEU B 95 3.36 15.68 8.14
N ARG B 96 3.32 16.36 9.29
CA ARG B 96 4.54 16.84 9.92
C ARG B 96 4.47 16.50 11.40
N GLY B 97 5.20 15.47 11.81
CA GLY B 97 5.14 15.02 13.19
C GLY B 97 3.92 14.14 13.40
N LYS B 98 3.67 13.74 14.64
CA LYS B 98 2.62 12.75 14.90
C LYS B 98 1.31 13.39 15.42
N VAL B 99 1.32 14.69 15.68
CA VAL B 99 0.11 15.35 16.18
C VAL B 99 -0.70 15.84 14.99
N TYR B 100 -2.00 15.55 14.95
CA TYR B 100 -2.83 16.00 13.84
C TYR B 100 -3.02 17.51 13.94
N ASN B 101 -2.55 18.25 12.94
CA ASN B 101 -2.79 19.68 12.96
C ASN B 101 -3.71 19.99 11.80
N LYS B 102 -4.94 20.35 12.11
CA LYS B 102 -5.95 20.52 11.08
C LYS B 102 -5.55 21.67 10.17
N ASN B 103 -5.21 21.38 8.92
CA ASN B 103 -4.71 22.42 8.04
C ASN B 103 -5.28 22.37 6.62
N GLY B 104 -6.32 21.58 6.42
CA GLY B 104 -6.91 21.42 5.10
C GLY B 104 -6.16 20.49 4.16
N LYS B 105 -5.03 19.94 4.62
CA LYS B 105 -4.18 19.12 3.76
C LYS B 105 -3.99 17.68 4.22
N THR B 106 -4.44 17.34 5.42
CA THR B 106 -4.08 16.05 5.97
C THR B 106 -5.25 15.32 6.62
N SER B 107 -6.48 15.83 6.46
CA SER B 107 -7.63 15.19 7.10
C SER B 107 -7.89 13.76 6.56
N ASN B 108 -7.69 13.54 5.26
CA ASN B 108 -7.98 12.22 4.69
C ASN B 108 -6.98 11.16 5.13
N ILE B 109 -5.68 11.46 5.05
CA ILE B 109 -4.71 10.49 5.54
C ILE B 109 -4.90 10.27 7.04
N ALA B 110 -5.20 11.32 7.79
CA ALA B 110 -5.40 11.14 9.23
C ALA B 110 -6.55 10.18 9.55
N ASN B 111 -7.67 10.30 8.83
CA ASN B 111 -8.74 9.36 9.05
C ASN B 111 -8.29 7.94 8.70
N MET B 112 -7.55 7.81 7.61
CA MET B 112 -7.17 6.46 7.15
C MET B 112 -6.23 5.73 8.10
N VAL B 113 -5.34 6.46 8.78
CA VAL B 113 -4.33 5.81 9.61
C VAL B 113 -4.49 6.12 11.09
N TRP B 114 -5.59 6.75 11.49
CA TRP B 114 -5.81 6.95 12.93
C TRP B 114 -5.76 5.60 13.67
N ASP B 115 -4.92 5.45 14.70
CA ASP B 115 -4.68 4.07 15.15
C ASP B 115 -5.92 3.39 15.71
N SER B 116 -6.81 4.12 16.39
CA SER B 116 -7.96 3.47 16.99
C SER B 116 -9.14 3.28 16.05
N HIS B 117 -9.04 3.78 14.82
CA HIS B 117 -10.10 3.52 13.85
C HIS B 117 -10.10 2.04 13.49
N ASP B 118 -11.27 1.40 13.55
CA ASP B 118 -11.34 -0.01 13.22
C ASP B 118 -12.49 -0.35 12.27
N LYS B 119 -13.16 0.68 11.76
CA LYS B 119 -14.33 0.47 10.92
C LYS B 119 -14.38 1.50 9.83
N LEU B 120 -14.86 1.11 8.64
CA LEU B 120 -15.15 2.08 7.58
C LEU B 120 -16.35 1.62 6.76
N GLY B 121 -17.05 2.60 6.18
CA GLY B 121 -18.06 2.34 5.16
C GLY B 121 -17.97 3.45 4.14
N CYS B 122 -18.20 3.14 2.87
CA CYS B 122 -18.02 4.13 1.81
C CYS B 122 -19.21 4.24 0.86
N ALA B 123 -19.20 5.31 0.08
CA ALA B 123 -20.33 5.63 -0.80
C ALA B 123 -19.76 6.24 -2.08
N VAL B 124 -20.42 5.95 -3.21
CA VAL B 124 -20.00 6.52 -4.48
C VAL B 124 -21.25 7.04 -5.19
N VAL B 125 -21.25 8.34 -5.48
CA VAL B 125 -22.43 8.97 -6.04
C VAL B 125 -22.07 9.97 -7.13
N ASP B 126 -23.06 10.35 -7.92
CA ASP B 126 -22.85 11.40 -8.90
C ASP B 126 -23.45 12.70 -8.38
N CYS B 127 -22.66 13.78 -8.50
CA CYS B 127 -23.08 15.12 -8.14
C CYS B 127 -22.79 16.08 -9.29
N SER B 128 -23.83 16.44 -10.04
CA SER B 128 -23.72 17.38 -11.14
C SER B 128 -22.51 17.16 -12.04
N GLY B 129 -22.35 15.92 -12.49
CA GLY B 129 -21.37 15.62 -13.51
C GLY B 129 -20.02 15.16 -12.99
N LYS B 130 -19.83 15.19 -11.67
CA LYS B 130 -18.61 14.65 -11.07
C LYS B 130 -18.93 13.50 -10.10
N THR B 131 -17.98 12.59 -9.96
CA THR B 131 -18.10 11.53 -8.97
C THR B 131 -17.62 12.02 -7.61
N HIS B 132 -18.42 11.77 -6.58
CA HIS B 132 -17.99 11.95 -5.19
C HIS B 132 -17.85 10.59 -4.54
N VAL B 133 -16.71 10.39 -3.87
CA VAL B 133 -16.46 9.20 -3.07
C VAL B 133 -16.40 9.63 -1.63
N VAL B 134 -17.20 9.00 -0.78
CA VAL B 134 -17.21 9.37 0.63
C VAL B 134 -17.00 8.12 1.49
N CYS B 135 -16.06 8.20 2.44
CA CYS B 135 -15.90 7.11 3.40
C CYS B 135 -16.08 7.67 4.79
N GLN B 136 -16.79 6.91 5.63
CA GLN B 136 -16.98 7.27 7.03
C GLN B 136 -16.24 6.24 7.89
N TYR B 137 -15.61 6.72 8.96
CA TYR B 137 -14.81 5.87 9.81
C TYR B 137 -15.34 5.85 11.24
N GLY B 138 -14.93 4.83 11.99
CA GLY B 138 -15.29 4.73 13.39
C GLY B 138 -14.28 3.92 14.16
N PRO B 139 -14.29 4.05 15.49
CA PRO B 139 -15.14 4.97 16.26
C PRO B 139 -14.66 6.40 16.20
N GLU B 140 -15.39 7.30 16.85
CA GLU B 140 -14.99 8.70 16.96
CA GLU B 140 -14.98 8.69 16.94
C GLU B 140 -13.68 8.82 17.71
N ALA B 141 -12.68 9.45 17.08
CA ALA B 141 -11.39 9.63 17.72
C ALA B 141 -10.61 10.82 17.18
N LYS B 142 -10.78 11.13 15.91
CA LYS B 142 -9.97 12.16 15.25
C LYS B 142 -10.33 13.56 15.69
N GLY B 143 -9.31 14.36 15.97
CA GLY B 143 -9.51 15.77 16.24
C GLY B 143 -8.24 16.55 16.14
N ASP B 144 -8.39 17.83 15.84
CA ASP B 144 -7.29 18.77 15.83
C ASP B 144 -6.53 18.73 17.15
N GLY B 145 -5.22 18.62 17.06
CA GLY B 145 -4.38 18.75 18.24
C GLY B 145 -4.10 17.42 18.93
N LYS B 146 -4.67 16.34 18.40
CA LYS B 146 -4.49 15.01 18.98
C LYS B 146 -3.46 14.19 18.23
N THR B 147 -2.71 13.35 18.95
CA THR B 147 -1.85 12.40 18.26
C THR B 147 -2.66 11.41 17.41
N ILE B 148 -2.19 11.22 16.18
CA ILE B 148 -2.80 10.33 15.21
C ILE B 148 -2.55 8.86 15.63
N TYR B 149 -1.39 8.63 16.24
CA TYR B 149 -0.99 7.28 16.61
C TYR B 149 -0.09 7.29 17.82
N GLU B 150 -0.12 6.21 18.59
CA GLU B 150 0.87 5.95 19.63
C GLU B 150 2.09 5.26 18.99
N GLU B 151 3.29 5.78 19.25
CA GLU B 151 4.52 5.26 18.64
C GLU B 151 5.14 4.13 19.46
N GLY B 152 5.55 3.06 18.81
CA GLY B 152 6.18 1.92 19.46
C GLY B 152 6.09 0.71 18.55
N ALA B 153 6.62 -0.41 19.00
CA ALA B 153 6.66 -1.61 18.16
C ALA B 153 5.26 -2.05 17.77
N PRO B 154 5.08 -2.36 16.49
CA PRO B 154 3.76 -2.72 15.98
C PRO B 154 3.13 -3.88 16.78
N CYS B 155 1.86 -3.65 17.13
CA CYS B 155 0.96 -4.52 17.88
CA CYS B 155 1.09 -4.66 17.86
C CYS B 155 1.42 -4.78 19.33
N SER B 156 2.43 -4.06 19.79
CA SER B 156 2.83 -4.19 21.20
C SER B 156 1.72 -3.75 22.16
N ARG B 157 0.86 -2.82 21.76
CA ARG B 157 -0.16 -2.31 22.69
C ARG B 157 -1.59 -2.63 22.26
N CYS B 158 -1.77 -3.70 21.50
CA CYS B 158 -3.09 -4.13 21.07
C CYS B 158 -4.04 -4.30 22.25
N SER B 159 -3.55 -4.85 23.34
CA SER B 159 -4.42 -5.11 24.50
C SER B 159 -4.94 -3.83 25.16
N ASP B 160 -4.45 -2.65 24.76
CA ASP B 160 -4.99 -1.40 25.31
C ASP B 160 -6.47 -1.30 24.94
N TYR B 161 -6.85 -2.00 23.87
CA TYR B 161 -8.23 -1.96 23.36
C TYR B 161 -9.11 -3.04 24.00
N GLY B 162 -8.53 -3.78 24.94
CA GLY B 162 -9.22 -4.90 25.55
C GLY B 162 -8.48 -6.22 25.35
N ALA B 163 -8.72 -7.18 26.23
CA ALA B 163 -7.99 -8.44 26.16
C ALA B 163 -8.32 -9.22 24.88
N GLY B 164 -9.51 -8.97 24.31
CA GLY B 164 -9.91 -9.63 23.08
C GLY B 164 -9.29 -9.07 21.80
N VAL B 165 -8.44 -8.07 21.92
CA VAL B 165 -7.83 -7.45 20.76
C VAL B 165 -6.35 -7.80 20.75
N THR B 166 -5.89 -8.42 19.67
CA THR B 166 -4.55 -9.02 19.62
C THR B 166 -3.88 -8.76 18.30
N CYS B 167 -2.60 -9.12 18.18
CA CYS B 167 -1.88 -8.97 16.93
CA CYS B 167 -1.91 -8.91 16.93
C CYS B 167 -2.54 -9.74 15.81
N ASP B 168 -2.64 -9.12 14.63
CA ASP B 168 -3.32 -9.71 13.49
C ASP B 168 -2.37 -10.37 12.52
N ASP B 169 -2.36 -11.71 12.51
CA ASP B 169 -1.44 -12.42 11.62
C ASP B 169 -1.89 -12.37 10.16
N ASP B 170 -3.03 -11.75 9.90
CA ASP B 170 -3.48 -11.56 8.52
C ASP B 170 -2.79 -10.38 7.90
N TRP B 171 -2.24 -9.50 8.76
CA TRP B 171 -1.63 -8.25 8.32
C TRP B 171 -0.22 -8.13 8.89
N GLN B 172 0.57 -9.18 8.69
CA GLN B 172 2.00 -9.21 9.05
CA GLN B 172 1.99 -9.15 9.01
C GLN B 172 2.25 -8.84 10.49
N ASN B 173 1.28 -9.14 11.36
CA ASN B 173 1.39 -8.82 12.77
C ASN B 173 1.73 -7.35 12.99
N LEU B 174 1.15 -6.50 12.15
CA LEU B 174 1.35 -5.07 12.23
C LEU B 174 0.12 -4.38 12.78
N LEU B 175 -1.01 -5.10 12.75
CA LEU B 175 -2.32 -4.52 13.07
C LEU B 175 -2.95 -5.27 14.22
N CYS B 176 -3.94 -4.68 14.85
CA CYS B 176 -4.66 -5.30 15.97
C CYS B 176 -6.07 -5.71 15.56
N ILE B 177 -6.43 -6.95 15.85
CA ILE B 177 -7.75 -7.48 15.47
C ILE B 177 -8.51 -7.95 16.70
N GLY B 178 -9.82 -7.67 16.72
CA GLY B 178 -10.68 -8.15 17.78
C GLY B 178 -11.46 -9.38 17.36
C1 GOL C . 28.95 1.50 1.77
O1 GOL C . 29.88 1.97 2.72
C2 GOL C . 28.41 0.14 2.20
O2 GOL C . 27.31 0.31 3.06
C3 GOL C . 27.98 -0.66 0.98
O3 GOL C . 28.89 -1.71 0.81
H11 GOL C . 28.13 2.21 1.68
H12 GOL C . 29.43 1.41 0.79
HO1 GOL C . 30.27 2.81 2.40
H2 GOL C . 29.21 -0.41 2.71
HO2 GOL C . 26.60 0.78 2.58
H31 GOL C . 26.98 -1.06 1.13
H32 GOL C . 27.97 -0.02 0.10
HO3 GOL C . 28.45 -2.56 1.00
#